data_3SUR
#
_entry.id   3SUR
#
_cell.length_a   95.696
_cell.length_b   102.094
_cell.length_c   108.060
_cell.angle_alpha   90.00
_cell.angle_beta   90.00
_cell.angle_gamma   90.00
#
_symmetry.space_group_name_H-M   'C 2 2 21'
#
loop_
_entity.id
_entity.type
_entity.pdbx_description
1 polymer Beta-hexosaminidase
2 non-polymer 'SULFATE ION'
3 non-polymer 3AR,5R,6S,7R,7AR-5-HYDROXYMETHYL-2-METHYL-5,6,7,7A-TETRAHYDRO-3AH-PYRANO[3,2-D]THIAZOLE-6,7-DIOL
4 water water
#
_entity_poly.entity_id   1
_entity_poly.type   'polypeptide(L)'
_entity_poly.pdbx_seq_one_letter_code
;MGSSHHHHHHSSGLVPRGSHMASMMSFIPESASASTSQPSILPKPVSYTVGSGQFVLTKNASIFVAGNNVGETDELFNIG
QALAKKLNASTGYTISVVKSNQPTAGSIYLTTVGGNAALGNEGYDLITTSNQVTLTANKPEGVFRGNQTLLQLLPAGIEK
NTVVSGVQWVIPHSNISDKPEYEYRGLMLDVARHFFTVDEVKRQIDLASQYKINKFHMHLSDDQGWRIEIKSWPDLIEIG
SKGQVGGGPGGYYTQEQFKDIVSYAAERYIEVIPEIDMPGHTNAALASYGELNPDGKRKAMRTDTAVGYSTLMPRAEITY
QFVEDVISELAAISPSPYIHLGGDESNATSAADYDYFFGRVTAIANSYGKKVVGWDPSDTSSGATSDSVLQNWTCSASTG
TAAKAKGMKVIVSPANAYLDMKYYSDSPIGLQWRGFVNTNRAYNWDPTDCIKGANIYGVESTLWTETFVTQDHLDYMLYP
KLLSNAEVGWTARGDRNWDDFKERLIEHTPRLQNKGIKFFADPIV
;
_entity_poly.pdbx_strand_id   A
#
loop_
_chem_comp.id
_chem_comp.type
_chem_comp.name
_chem_comp.formula
NGT non-polymer 3AR,5R,6S,7R,7AR-5-HYDROXYMETHYL-2-METHYL-5,6,7,7A-TETRAHYDRO-3AH-PYRANO[3,2-D]THIAZOLE-6,7-DIOL 'C8 H13 N O4 S'
SO4 non-polymer 'SULFATE ION' 'O4 S -2'
#
# COMPACT_ATOMS: atom_id res chain seq x y z
N HIS A 7 -16.27 29.70 -21.38
CA HIS A 7 -14.95 29.00 -21.34
C HIS A 7 -14.97 27.63 -22.01
N HIS A 8 -13.82 27.24 -22.55
CA HIS A 8 -13.68 26.01 -23.32
C HIS A 8 -12.94 24.94 -22.52
N HIS A 9 -13.39 23.69 -22.62
CA HIS A 9 -12.82 22.59 -21.86
C HIS A 9 -12.63 21.36 -22.74
N HIS A 10 -11.73 20.47 -22.34
CA HIS A 10 -11.51 19.19 -23.06
C HIS A 10 -10.99 18.06 -22.14
N SER A 11 -11.20 16.82 -22.58
CA SER A 11 -10.59 15.67 -21.94
C SER A 11 -9.33 15.24 -22.74
N SER A 12 -8.48 14.44 -22.11
CA SER A 12 -7.23 13.97 -22.72
C SER A 12 -7.43 12.81 -23.69
N GLY A 13 -6.75 12.89 -24.84
CA GLY A 13 -6.58 11.71 -25.70
C GLY A 13 -5.14 11.22 -25.63
N LEU A 14 -4.81 10.20 -26.42
CA LEU A 14 -3.44 9.70 -26.49
C LEU A 14 -2.52 10.77 -27.08
N VAL A 15 -1.25 10.73 -26.66
CA VAL A 15 -0.26 11.70 -27.12
C VAL A 15 0.16 11.39 -28.56
N PRO A 16 0.12 12.40 -29.45
CA PRO A 16 0.62 12.15 -30.81
C PRO A 16 2.09 11.74 -30.77
N ARG A 17 2.41 10.69 -31.53
CA ARG A 17 3.78 10.18 -31.67
C ARG A 17 4.27 9.33 -30.47
N GLY A 18 3.36 8.96 -29.57
CA GLY A 18 3.71 8.03 -28.50
C GLY A 18 3.87 8.67 -27.13
N SER A 19 4.03 7.82 -26.12
CA SER A 19 4.17 8.26 -24.74
C SER A 19 5.38 9.18 -24.54
N HIS A 20 5.20 10.24 -23.75
CA HIS A 20 6.34 11.04 -23.26
C HIS A 20 7.24 10.27 -22.28
N MET A 21 6.75 9.16 -21.72
CA MET A 21 7.55 8.33 -20.80
C MET A 21 8.49 7.33 -21.52
N SER A 37 17.15 22.12 -9.04
CA SER A 37 16.67 22.84 -10.22
C SER A 37 15.28 22.43 -10.69
N GLN A 38 15.05 21.13 -10.90
CA GLN A 38 13.69 20.63 -11.21
C GLN A 38 13.21 19.44 -10.36
N PRO A 39 12.71 19.73 -9.15
CA PRO A 39 12.06 18.73 -8.30
C PRO A 39 10.80 18.13 -8.96
N SER A 40 10.48 16.88 -8.66
CA SER A 40 9.20 16.32 -9.10
C SER A 40 8.49 15.68 -7.93
N ILE A 41 7.65 16.47 -7.27
CA ILE A 41 6.96 15.99 -6.07
C ILE A 41 5.63 15.32 -6.39
N LEU A 42 5.54 14.06 -5.98
CA LEU A 42 4.39 13.21 -6.22
C LEU A 42 4.23 12.34 -4.98
N PRO A 43 3.07 12.39 -4.30
CA PRO A 43 1.87 13.20 -4.58
C PRO A 43 2.12 14.70 -4.42
N LYS A 44 1.28 15.51 -5.07
CA LYS A 44 1.34 16.97 -4.95
C LYS A 44 1.13 17.43 -3.48
N PRO A 45 2.07 18.24 -2.94
CA PRO A 45 1.95 18.69 -1.55
C PRO A 45 0.96 19.86 -1.40
N VAL A 46 0.53 20.14 -0.18
CA VAL A 46 -0.45 21.23 0.06
C VAL A 46 0.04 22.60 -0.50
N SER A 47 1.32 22.90 -0.27
CA SER A 47 1.92 24.11 -0.83
C SER A 47 3.40 23.92 -1.09
N TYR A 48 3.89 24.58 -2.13
CA TYR A 48 5.26 24.46 -2.55
C TYR A 48 5.64 25.77 -3.22
N THR A 49 6.60 26.49 -2.64
CA THR A 49 7.08 27.72 -3.27
C THR A 49 8.58 27.62 -3.42
N VAL A 50 9.11 28.32 -4.40
CA VAL A 50 10.55 28.31 -4.66
C VAL A 50 11.05 29.75 -4.58
N GLY A 51 12.21 29.95 -3.96
CA GLY A 51 12.82 31.27 -3.89
C GLY A 51 14.19 31.23 -4.54
N SER A 52 14.94 32.33 -4.40
CA SER A 52 16.24 32.41 -5.06
C SER A 52 17.30 31.67 -4.25
N GLY A 53 18.27 31.12 -4.96
CA GLY A 53 19.38 30.41 -4.32
C GLY A 53 19.17 28.91 -4.26
N GLN A 54 20.15 28.21 -3.71
CA GLN A 54 20.12 26.74 -3.67
C GLN A 54 21.02 26.20 -2.56
N PHE A 55 20.69 25.01 -2.12
CA PHE A 55 21.46 24.25 -1.15
C PHE A 55 22.24 23.24 -1.95
N VAL A 56 23.48 22.99 -1.56
CA VAL A 56 24.29 21.99 -2.22
C VAL A 56 24.59 20.90 -1.20
N LEU A 57 24.22 19.66 -1.54
CA LEU A 57 24.62 18.48 -0.75
C LEU A 57 26.05 18.07 -1.10
N THR A 58 26.97 18.14 -0.14
CA THR A 58 28.38 17.81 -0.39
C THR A 58 28.82 16.64 0.48
N LYS A 59 30.04 16.14 0.24
CA LYS A 59 30.56 14.97 0.94
C LYS A 59 30.72 15.19 2.45
N ASN A 60 30.75 16.46 2.85
CA ASN A 60 30.87 16.83 4.26
C ASN A 60 29.55 16.92 5.02
N ALA A 61 28.43 16.74 4.34
CA ALA A 61 27.10 16.88 4.96
C ALA A 61 26.87 15.84 6.06
N SER A 62 26.23 16.27 7.16
CA SER A 62 25.68 15.37 8.19
C SER A 62 24.17 15.59 8.30
N ILE A 63 23.47 14.60 8.86
CA ILE A 63 22.05 14.72 9.20
C ILE A 63 21.95 14.90 10.72
N PHE A 64 21.37 16.02 11.14
CA PHE A 64 21.18 16.31 12.55
C PHE A 64 19.75 15.96 12.90
N VAL A 65 19.54 15.32 14.06
CA VAL A 65 18.18 15.00 14.53
C VAL A 65 17.93 15.52 15.96
N ALA A 66 16.69 15.99 16.20
CA ALA A 66 16.32 16.55 17.50
C ALA A 66 14.83 16.39 17.74
N GLY A 67 14.49 15.64 18.78
CA GLY A 67 13.09 15.47 19.18
C GLY A 67 12.81 16.16 20.49
N ASN A 68 11.57 16.00 21.00
CA ASN A 68 11.17 16.70 22.23
C ASN A 68 11.68 16.07 23.52
N ASN A 69 12.23 14.86 23.39
CA ASN A 69 12.82 14.10 24.49
C ASN A 69 13.76 13.06 23.89
N VAL A 70 14.53 12.38 24.75
CA VAL A 70 15.57 11.46 24.25
C VAL A 70 15.01 10.29 23.43
N GLY A 71 13.86 9.76 23.85
CA GLY A 71 13.22 8.65 23.15
C GLY A 71 12.78 9.05 21.76
N GLU A 72 12.24 10.26 21.61
CA GLU A 72 11.85 10.75 20.30
C GLU A 72 13.08 11.05 19.43
N THR A 73 14.11 11.61 20.04
CA THR A 73 15.36 11.83 19.31
C THR A 73 15.91 10.48 18.82
N ASP A 74 15.82 9.44 19.64
CA ASP A 74 16.30 8.10 19.22
C ASP A 74 15.53 7.56 18.00
N GLU A 75 14.21 7.79 17.97
CA GLU A 75 13.39 7.36 16.82
C GLU A 75 13.77 8.15 15.55
N LEU A 76 13.98 9.45 15.73
CA LEU A 76 14.40 10.34 14.64
C LEU A 76 15.77 9.92 14.12
N PHE A 77 16.64 9.49 15.02
CA PHE A 77 17.96 8.97 14.66
C PHE A 77 17.88 7.81 13.67
N ASN A 78 17.02 6.84 13.95
CA ASN A 78 16.76 5.71 13.03
C ASN A 78 16.26 6.19 11.67
N ILE A 79 15.35 7.16 11.68
CA ILE A 79 14.83 7.74 10.43
C ILE A 79 15.95 8.42 9.65
N GLY A 80 16.77 9.21 10.34
CA GLY A 80 17.95 9.83 9.73
C GLY A 80 18.89 8.79 9.11
N GLN A 81 19.12 7.68 9.80
CA GLN A 81 20.01 6.64 9.27
C GLN A 81 19.47 6.03 7.98
N ALA A 82 18.15 5.85 7.90
CA ALA A 82 17.53 5.33 6.67
C ALA A 82 17.73 6.32 5.51
N LEU A 83 17.57 7.60 5.81
CA LEU A 83 17.77 8.67 4.82
C LEU A 83 19.21 8.68 4.36
N ALA A 84 20.14 8.68 5.31
CA ALA A 84 21.57 8.67 5.02
C ALA A 84 21.95 7.51 4.08
N LYS A 85 21.45 6.31 4.38
CA LYS A 85 21.67 5.14 3.53
C LYS A 85 21.20 5.39 2.08
N LYS A 86 19.99 5.94 1.88
CA LYS A 86 19.51 6.25 0.52
C LYS A 86 20.41 7.28 -0.18
N LEU A 87 20.76 8.35 0.54
CA LEU A 87 21.58 9.41 -0.02
C LEU A 87 22.99 8.91 -0.37
N ASN A 88 23.58 8.10 0.52
CA ASN A 88 24.93 7.56 0.33
C ASN A 88 25.03 6.62 -0.90
N ALA A 89 23.94 5.92 -1.20
CA ALA A 89 23.93 4.94 -2.32
C ALA A 89 24.17 5.58 -3.68
N SER A 90 23.57 6.75 -3.91
CA SER A 90 23.69 7.46 -5.18
C SER A 90 24.81 8.53 -5.21
N THR A 91 25.06 9.18 -4.08
CA THR A 91 26.09 10.23 -4.03
C THR A 91 27.47 9.62 -3.89
N GLY A 92 27.50 8.44 -3.29
CA GLY A 92 28.76 7.82 -2.89
C GLY A 92 29.37 8.48 -1.66
N TYR A 93 28.61 9.35 -0.99
CA TYR A 93 29.10 9.97 0.25
C TYR A 93 28.98 9.01 1.43
N THR A 94 29.46 9.44 2.59
CA THR A 94 29.18 8.71 3.83
C THR A 94 28.63 9.69 4.86
N ILE A 95 27.42 10.16 4.59
CA ILE A 95 26.71 11.07 5.49
C ILE A 95 26.39 10.31 6.75
N SER A 96 26.75 10.90 7.89
CA SER A 96 26.43 10.31 9.17
C SER A 96 25.36 11.13 9.92
N VAL A 97 24.78 10.51 10.94
CA VAL A 97 23.65 11.08 11.66
C VAL A 97 24.10 11.46 13.07
N VAL A 98 23.68 12.65 13.52
CA VAL A 98 24.17 13.29 14.75
C VAL A 98 22.94 13.70 15.58
N LYS A 99 22.95 13.34 16.86
CA LYS A 99 21.89 13.77 17.79
C LYS A 99 22.26 15.14 18.36
N SER A 100 21.73 16.20 17.75
CA SER A 100 22.06 17.58 18.12
C SER A 100 21.04 18.52 17.48
N ASN A 101 20.72 19.60 18.18
CA ASN A 101 19.85 20.65 17.65
C ASN A 101 20.65 21.88 17.15
N GLN A 102 21.95 21.70 16.95
CA GLN A 102 22.80 22.75 16.40
C GLN A 102 23.41 22.35 15.06
N PRO A 103 22.56 22.17 14.02
CA PRO A 103 23.12 21.82 12.72
C PRO A 103 24.05 22.91 12.19
N THR A 104 25.02 22.43 11.43
CA THR A 104 26.12 23.15 10.83
C THR A 104 25.75 23.51 9.39
N ALA A 105 26.41 24.52 8.80
CA ALA A 105 26.18 24.86 7.39
C ALA A 105 26.35 23.64 6.49
N GLY A 106 25.41 23.44 5.57
CA GLY A 106 25.41 22.26 4.68
C GLY A 106 24.70 21.02 5.24
N SER A 107 24.08 21.15 6.42
CA SER A 107 23.40 20.04 7.08
C SER A 107 21.95 19.84 6.61
N ILE A 108 21.46 18.63 6.80
CA ILE A 108 20.04 18.36 6.77
C ILE A 108 19.64 18.19 8.24
N TYR A 109 18.53 18.79 8.62
CA TYR A 109 18.09 18.82 10.01
C TYR A 109 16.66 18.33 10.09
N LEU A 110 16.46 17.30 10.90
CA LEU A 110 15.14 16.68 11.08
C LEU A 110 14.72 16.88 12.51
N THR A 111 13.57 17.54 12.69
CA THR A 111 13.10 17.83 14.04
C THR A 111 11.59 17.74 14.21
N THR A 112 11.19 17.40 15.43
CA THR A 112 9.79 17.43 15.84
C THR A 112 9.53 18.54 16.85
N VAL A 113 10.55 19.36 17.12
CA VAL A 113 10.39 20.41 18.13
C VAL A 113 9.67 21.59 17.49
N GLY A 114 8.46 21.87 17.96
CA GLY A 114 7.65 22.98 17.42
C GLY A 114 6.84 22.70 16.16
N GLY A 115 6.58 21.42 15.89
CA GLY A 115 5.66 21.05 14.78
C GLY A 115 4.33 21.78 14.80
N ASN A 116 3.84 22.13 13.62
CA ASN A 116 2.52 22.74 13.45
C ASN A 116 1.44 21.65 13.60
N ALA A 117 0.77 21.62 14.76
CA ALA A 117 -0.23 20.59 15.11
C ALA A 117 -1.33 20.42 14.06
N ALA A 118 -1.60 21.48 13.31
CA ALA A 118 -2.62 21.46 12.28
C ALA A 118 -2.28 20.50 11.14
N LEU A 119 -1.01 20.11 11.03
CA LEU A 119 -0.58 19.18 9.99
C LEU A 119 -0.73 17.68 10.38
N GLY A 120 -1.12 17.39 11.62
CA GLY A 120 -1.36 16.01 12.08
C GLY A 120 -0.13 15.11 12.17
N ASN A 121 -0.34 13.82 12.40
CA ASN A 121 0.73 12.82 12.55
C ASN A 121 1.65 12.70 11.33
N GLU A 122 1.07 12.85 10.14
CA GLU A 122 1.80 12.61 8.89
C GLU A 122 2.27 13.89 8.18
N GLY A 123 1.90 15.06 8.72
CA GLY A 123 2.24 16.36 8.09
C GLY A 123 3.62 16.85 8.46
N TYR A 124 4.12 17.82 7.70
CA TYR A 124 5.48 18.35 7.90
C TYR A 124 5.58 19.70 7.17
N ASP A 125 6.53 20.52 7.61
CA ASP A 125 7.04 21.66 6.86
C ASP A 125 8.45 21.27 6.42
N LEU A 126 8.80 21.66 5.21
CA LEU A 126 10.10 21.31 4.70
C LEU A 126 10.66 22.55 4.04
N ILE A 127 11.65 23.15 4.70
CA ILE A 127 12.22 24.41 4.26
C ILE A 127 13.70 24.27 3.93
N THR A 128 14.03 24.58 2.68
CA THR A 128 15.41 24.52 2.19
C THR A 128 15.95 25.94 1.97
N THR A 129 17.05 26.23 2.65
CA THR A 129 17.75 27.52 2.49
C THR A 129 19.08 27.22 1.83
N SER A 130 19.89 28.26 1.60
CA SER A 130 21.23 28.03 1.08
C SER A 130 22.14 27.18 1.98
N ASN A 131 22.02 27.34 3.30
CA ASN A 131 22.89 26.66 4.24
C ASN A 131 22.32 25.38 4.83
N GLN A 132 21.01 25.19 4.74
CA GLN A 132 20.38 24.13 5.53
C GLN A 132 19.04 23.63 4.98
N VAL A 133 18.84 22.32 5.08
CA VAL A 133 17.53 21.70 4.87
C VAL A 133 16.95 21.42 6.26
N THR A 134 15.75 21.94 6.51
CA THR A 134 15.06 21.72 7.79
C THR A 134 13.67 21.13 7.60
N LEU A 135 13.50 19.93 8.14
CA LEU A 135 12.22 19.25 8.10
C LEU A 135 11.64 19.29 9.51
N THR A 136 10.49 19.94 9.65
CA THR A 136 9.84 20.12 10.96
C THR A 136 8.49 19.44 10.93
N ALA A 137 8.28 18.50 11.82
CA ALA A 137 7.01 17.73 11.87
C ALA A 137 6.52 17.62 13.31
N ASN A 138 5.30 17.08 13.44
CA ASN A 138 4.69 16.82 14.74
C ASN A 138 5.18 15.53 15.35
N LYS A 139 5.39 14.52 14.50
CA LYS A 139 5.71 13.18 14.92
C LYS A 139 6.80 12.63 14.02
N PRO A 140 7.60 11.66 14.53
CA PRO A 140 8.55 10.94 13.67
C PRO A 140 7.93 10.47 12.35
N GLU A 141 6.70 9.94 12.39
CA GLU A 141 6.00 9.51 11.18
C GLU A 141 6.01 10.60 10.10
N GLY A 142 5.74 11.83 10.51
CA GLY A 142 5.71 12.98 9.60
C GLY A 142 7.08 13.34 9.04
N VAL A 143 8.12 13.16 9.84
CA VAL A 143 9.45 13.32 9.27
C VAL A 143 9.78 12.26 8.24
N PHE A 144 9.36 11.02 8.48
CA PHE A 144 9.50 9.98 7.46
C PHE A 144 8.77 10.33 6.12
N ARG A 145 7.51 10.73 6.21
CA ARG A 145 6.77 11.13 4.99
C ARG A 145 7.47 12.31 4.30
N GLY A 146 7.86 13.32 5.09
CA GLY A 146 8.57 14.49 4.53
C GLY A 146 9.88 14.13 3.84
N ASN A 147 10.58 13.11 4.36
CA ASN A 147 11.80 12.62 3.72
C ASN A 147 11.55 12.08 2.31
N GLN A 148 10.35 11.57 2.05
CA GLN A 148 10.00 11.10 0.69
C GLN A 148 9.95 12.29 -0.29
N THR A 149 9.52 13.43 0.22
CA THR A 149 9.52 14.69 -0.54
C THR A 149 10.93 15.19 -0.77
N LEU A 150 11.75 15.20 0.29
CA LEU A 150 13.15 15.59 0.23
C LEU A 150 13.89 14.87 -0.90
N LEU A 151 13.68 13.56 -0.99
CA LEU A 151 14.32 12.79 -2.04
C LEU A 151 13.88 13.27 -3.44
N GLN A 152 12.66 13.78 -3.54
CA GLN A 152 12.16 14.31 -4.82
C GLN A 152 12.62 15.73 -5.15
N LEU A 153 13.20 16.44 -4.18
CA LEU A 153 13.71 17.81 -4.42
C LEU A 153 15.13 17.79 -4.97
N LEU A 154 15.89 16.75 -4.61
CA LEU A 154 17.22 16.49 -5.19
C LEU A 154 17.11 16.08 -6.67
N PRO A 155 18.20 16.25 -7.46
CA PRO A 155 18.14 15.87 -8.88
C PRO A 155 17.85 14.39 -9.12
N ALA A 156 17.13 14.11 -10.20
CA ALA A 156 17.06 12.77 -10.70
C ALA A 156 18.51 12.25 -10.77
N GLY A 157 18.68 11.01 -10.36
CA GLY A 157 19.99 10.45 -10.12
C GLY A 157 20.12 10.05 -8.67
N ILE A 158 19.56 10.87 -7.77
CA ILE A 158 19.60 10.60 -6.33
C ILE A 158 18.96 9.24 -5.97
N GLU A 159 18.02 8.77 -6.80
CA GLU A 159 17.29 7.54 -6.47
C GLU A 159 17.96 6.30 -7.05
N LYS A 160 19.08 6.50 -7.71
CA LYS A 160 19.90 5.37 -8.15
C LYS A 160 20.39 4.55 -6.96
N ASN A 161 20.55 3.25 -7.16
CA ASN A 161 21.10 2.37 -6.14
C ASN A 161 22.62 2.21 -6.25
N THR A 162 23.24 2.87 -7.23
CA THR A 162 24.70 2.86 -7.38
C THR A 162 25.18 4.31 -7.57
N VAL A 163 26.45 4.58 -7.32
CA VAL A 163 26.99 5.96 -7.36
C VAL A 163 26.83 6.66 -8.73
N VAL A 164 26.26 7.86 -8.69
CA VAL A 164 26.10 8.70 -9.88
C VAL A 164 27.16 9.80 -9.88
N SER A 165 27.95 9.86 -10.96
CA SER A 165 28.94 10.92 -11.12
C SER A 165 28.39 11.99 -12.07
N GLY A 166 28.99 13.19 -12.01
CA GLY A 166 28.67 14.26 -12.93
C GLY A 166 27.39 15.06 -12.66
N VAL A 167 26.78 14.84 -11.49
CA VAL A 167 25.55 15.54 -11.12
C VAL A 167 25.79 16.32 -9.84
N GLN A 168 25.59 17.64 -9.87
CA GLN A 168 25.72 18.43 -8.65
C GLN A 168 24.46 18.18 -7.84
N TRP A 169 24.63 17.88 -6.55
CA TRP A 169 23.50 17.48 -5.72
C TRP A 169 22.87 18.73 -5.10
N VAL A 170 22.02 19.40 -5.88
CA VAL A 170 21.44 20.68 -5.43
C VAL A 170 19.95 20.61 -5.11
N ILE A 171 19.49 21.49 -4.21
CA ILE A 171 18.06 21.63 -3.93
C ILE A 171 17.72 23.11 -4.03
N PRO A 172 16.66 23.48 -4.78
CA PRO A 172 16.31 24.90 -4.84
C PRO A 172 15.88 25.41 -3.46
N HIS A 173 16.22 26.65 -3.15
CA HIS A 173 15.60 27.36 -2.03
C HIS A 173 14.09 27.19 -2.13
N SER A 174 13.47 26.62 -1.11
CA SER A 174 12.06 26.25 -1.25
C SER A 174 11.34 26.10 0.09
N ASN A 175 10.02 26.18 0.01
CA ASN A 175 9.15 26.11 1.20
C ASN A 175 7.97 25.21 0.90
N ILE A 176 7.87 24.12 1.64
CA ILE A 176 6.79 23.16 1.48
C ILE A 176 6.06 22.98 2.82
N SER A 177 4.73 22.99 2.77
CA SER A 177 3.93 22.48 3.88
C SER A 177 3.02 21.40 3.31
N ASP A 178 2.71 20.39 4.12
CA ASP A 178 2.01 19.22 3.59
C ASP A 178 1.36 18.39 4.69
N LYS A 179 0.33 17.63 4.28
CA LYS A 179 -0.43 16.71 5.14
C LYS A 179 -1.35 15.94 4.19
N PRO A 180 -1.76 14.71 4.57
CA PRO A 180 -2.65 13.93 3.69
C PRO A 180 -4.13 14.33 3.80
N GLU A 181 -4.87 14.11 2.73
CA GLU A 181 -6.32 14.29 2.75
C GLU A 181 -7.00 13.08 3.46
N TYR A 182 -6.53 11.87 3.13
CA TYR A 182 -7.03 10.64 3.77
C TYR A 182 -5.99 9.93 4.63
N GLU A 183 -6.45 9.33 5.72
CA GLU A 183 -5.62 8.62 6.69
C GLU A 183 -5.11 7.27 6.14
N TYR A 184 -5.96 6.57 5.39
CA TYR A 184 -5.65 5.23 4.89
C TYR A 184 -5.31 5.33 3.39
N ARG A 185 -4.07 5.02 3.04
CA ARG A 185 -3.62 5.09 1.64
C ARG A 185 -2.86 3.81 1.36
N GLY A 186 -3.56 2.82 0.79
CA GLY A 186 -3.04 1.47 0.81
C GLY A 186 -2.77 0.79 -0.51
N LEU A 187 -1.98 -0.27 -0.44
CA LEU A 187 -1.76 -1.19 -1.56
C LEU A 187 -2.02 -2.61 -1.06
N MET A 188 -2.81 -3.39 -1.81
CA MET A 188 -2.94 -4.83 -1.57
C MET A 188 -2.15 -5.62 -2.62
N LEU A 189 -1.32 -6.55 -2.16
CA LEU A 189 -0.73 -7.53 -3.06
C LEU A 189 -1.32 -8.93 -2.82
N ASP A 190 -1.79 -9.54 -3.90
CA ASP A 190 -2.27 -10.94 -3.91
C ASP A 190 -1.05 -11.86 -4.08
N VAL A 191 -0.73 -12.62 -3.02
CA VAL A 191 0.39 -13.56 -3.05
C VAL A 191 -0.11 -15.02 -3.12
N ALA A 192 -1.44 -15.18 -3.20
CA ALA A 192 -2.07 -16.50 -3.31
C ALA A 192 -2.13 -17.03 -4.76
N ARG A 193 -2.51 -16.17 -5.69
CA ARG A 193 -2.65 -16.57 -7.09
C ARG A 193 -1.31 -16.86 -7.75
N HIS A 194 -0.34 -16.00 -7.50
CA HIS A 194 1.08 -16.29 -7.74
C HIS A 194 1.84 -15.79 -6.53
N PHE A 195 2.83 -16.58 -6.15
CA PHE A 195 3.62 -16.30 -4.97
C PHE A 195 4.79 -15.38 -5.31
N PHE A 196 5.09 -14.45 -4.40
CA PHE A 196 6.26 -13.58 -4.51
C PHE A 196 7.14 -13.69 -3.27
N THR A 197 8.45 -13.68 -3.47
CA THR A 197 9.40 -13.85 -2.39
C THR A 197 9.35 -12.71 -1.37
N VAL A 198 9.87 -12.98 -0.18
CA VAL A 198 10.02 -11.94 0.82
C VAL A 198 10.75 -10.72 0.23
N ASP A 199 11.83 -10.94 -0.53
CA ASP A 199 12.56 -9.81 -1.15
C ASP A 199 11.69 -9.03 -2.13
N GLU A 200 10.91 -9.76 -2.92
CA GLU A 200 10.01 -9.12 -3.90
C GLU A 200 8.92 -8.27 -3.21
N VAL A 201 8.36 -8.81 -2.13
CA VAL A 201 7.39 -8.11 -1.31
C VAL A 201 8.00 -6.87 -0.64
N LYS A 202 9.18 -7.02 -0.04
CA LYS A 202 9.88 -5.89 0.57
C LYS A 202 10.12 -4.79 -0.45
N ARG A 203 10.55 -5.14 -1.65
CA ARG A 203 10.79 -4.15 -2.69
C ARG A 203 9.51 -3.36 -3.05
N GLN A 204 8.37 -4.06 -3.23
CA GLN A 204 7.13 -3.31 -3.50
C GLN A 204 6.71 -2.39 -2.35
N ILE A 205 6.86 -2.85 -1.10
CA ILE A 205 6.61 -2.00 0.09
C ILE A 205 7.50 -0.74 0.04
N ASP A 206 8.81 -0.96 -0.23
CA ASP A 206 9.77 0.12 -0.31
C ASP A 206 9.41 1.15 -1.39
N LEU A 207 9.19 0.68 -2.62
CA LEU A 207 8.74 1.56 -3.71
C LEU A 207 7.46 2.34 -3.36
N ALA A 208 6.42 1.66 -2.89
CA ALA A 208 5.17 2.31 -2.50
C ALA A 208 5.40 3.39 -1.44
N SER A 209 6.28 3.10 -0.46
CA SER A 209 6.55 4.06 0.64
C SER A 209 7.05 5.42 0.12
N GLN A 210 7.76 5.41 -1.00
CA GLN A 210 8.34 6.62 -1.59
C GLN A 210 7.26 7.57 -2.16
N TYR A 211 6.05 7.05 -2.31
CA TYR A 211 4.90 7.83 -2.77
C TYR A 211 3.86 8.00 -1.68
N LYS A 212 4.30 7.79 -0.43
CA LYS A 212 3.50 8.06 0.78
C LYS A 212 2.33 7.09 0.99
N ILE A 213 2.36 5.94 0.31
CA ILE A 213 1.49 4.84 0.68
C ILE A 213 1.85 4.47 2.12
N ASN A 214 0.85 4.28 2.97
CA ASN A 214 1.12 4.04 4.42
C ASN A 214 0.49 2.75 4.96
N LYS A 215 -0.10 1.95 4.06
CA LYS A 215 -0.79 0.71 4.43
C LYS A 215 -0.49 -0.37 3.41
N PHE A 216 -0.20 -1.59 3.88
CA PHE A 216 0.02 -2.72 2.98
C PHE A 216 -0.84 -3.91 3.42
N HIS A 217 -1.80 -4.26 2.56
CA HIS A 217 -2.74 -5.36 2.75
C HIS A 217 -2.22 -6.62 2.00
N MET A 218 -1.99 -7.72 2.73
CA MET A 218 -1.50 -8.96 2.11
C MET A 218 -2.62 -9.96 2.00
N HIS A 219 -2.98 -10.30 0.76
CA HIS A 219 -4.01 -11.31 0.50
C HIS A 219 -3.26 -12.65 0.51
N LEU A 220 -3.27 -13.27 1.69
CA LEU A 220 -2.41 -14.42 2.02
C LEU A 220 -2.99 -15.80 1.69
N SER A 221 -4.27 -15.84 1.34
CA SER A 221 -4.94 -17.12 1.08
C SER A 221 -6.02 -16.96 0.05
N ASP A 222 -6.18 -17.97 -0.79
CA ASP A 222 -7.30 -18.02 -1.72
C ASP A 222 -7.52 -19.46 -2.20
N ASP A 223 -8.15 -19.60 -3.36
CA ASP A 223 -8.48 -20.93 -3.86
C ASP A 223 -7.24 -21.69 -4.30
N GLN A 224 -6.26 -20.97 -4.85
CA GLN A 224 -5.13 -21.62 -5.51
C GLN A 224 -3.91 -21.75 -4.61
N GLY A 225 -3.96 -21.18 -3.40
CA GLY A 225 -2.84 -21.33 -2.47
C GLY A 225 -3.03 -20.69 -1.11
N TRP A 226 -2.31 -21.25 -0.13
CA TRP A 226 -2.31 -20.76 1.25
C TRP A 226 -0.85 -20.39 1.56
N ARG A 227 -0.61 -19.14 1.98
CA ARG A 227 0.77 -18.59 2.03
C ARG A 227 1.32 -18.27 3.42
N ILE A 228 0.57 -18.62 4.47
CA ILE A 228 1.07 -18.36 5.84
C ILE A 228 1.15 -19.62 6.74
N GLU A 229 2.33 -19.84 7.32
CA GLU A 229 2.55 -20.98 8.22
C GLU A 229 1.58 -20.89 9.42
N ILE A 230 0.80 -21.96 9.62
CA ILE A 230 -0.10 -22.10 10.78
C ILE A 230 0.32 -23.40 11.46
N LYS A 231 1.00 -23.27 12.59
CA LYS A 231 1.65 -24.44 13.24
C LYS A 231 0.64 -25.50 13.68
N SER A 232 -0.55 -25.06 14.10
CA SER A 232 -1.58 -25.99 14.57
C SER A 232 -2.25 -26.77 13.43
N TRP A 233 -2.09 -26.30 12.18
CA TRP A 233 -2.68 -26.90 10.98
C TRP A 233 -1.60 -26.99 9.89
N PRO A 234 -0.58 -27.84 10.12
CA PRO A 234 0.61 -27.79 9.26
C PRO A 234 0.39 -28.14 7.79
N ASP A 235 -0.70 -28.84 7.47
CA ASP A 235 -0.94 -29.19 6.08
C ASP A 235 -1.40 -28.02 5.21
N LEU A 236 -1.78 -26.89 5.83
CA LEU A 236 -2.07 -25.68 5.05
C LEU A 236 -0.87 -25.31 4.19
N ILE A 237 0.32 -25.49 4.74
CA ILE A 237 1.55 -25.32 3.99
C ILE A 237 1.96 -26.61 3.25
N GLU A 238 1.98 -27.73 3.96
CA GLU A 238 2.48 -28.98 3.36
C GLU A 238 1.72 -29.38 2.11
N ILE A 239 0.42 -29.08 2.08
CA ILE A 239 -0.42 -29.36 0.92
C ILE A 239 -0.87 -28.04 0.25
N GLY A 240 -1.45 -27.14 1.03
CA GLY A 240 -2.05 -25.91 0.50
C GLY A 240 -1.18 -24.84 -0.13
N SER A 241 0.13 -24.89 0.13
CA SER A 241 1.06 -23.89 -0.45
C SER A 241 1.78 -24.38 -1.72
N LYS A 242 1.53 -25.64 -2.11
CA LYS A 242 2.35 -26.32 -3.12
C LYS A 242 1.98 -26.02 -4.57
N GLY A 243 1.09 -25.06 -4.78
CA GLY A 243 0.71 -24.68 -6.13
C GLY A 243 0.37 -23.21 -6.23
N GLN A 244 -0.19 -22.83 -7.37
CA GLN A 244 -0.63 -21.47 -7.66
C GLN A 244 -1.36 -21.52 -8.99
N VAL A 245 -1.89 -20.38 -9.44
CA VAL A 245 -2.48 -20.30 -10.79
C VAL A 245 -1.47 -20.80 -11.83
N GLY A 246 -1.96 -21.61 -12.77
CA GLY A 246 -1.12 -22.21 -13.80
C GLY A 246 -0.25 -23.38 -13.36
N GLY A 247 -0.25 -23.73 -12.08
CA GLY A 247 0.52 -24.86 -11.59
C GLY A 247 2.05 -24.78 -11.36
N GLY A 248 2.62 -23.58 -11.28
CA GLY A 248 3.99 -23.40 -10.74
C GLY A 248 4.15 -24.01 -9.34
N PRO A 249 5.34 -23.87 -8.72
CA PRO A 249 5.53 -24.55 -7.43
C PRO A 249 4.88 -23.85 -6.22
N GLY A 250 4.42 -22.62 -6.36
CA GLY A 250 3.87 -21.89 -5.21
C GLY A 250 4.93 -21.38 -4.25
N GLY A 251 4.71 -21.58 -2.95
CA GLY A 251 5.58 -21.02 -1.91
C GLY A 251 4.78 -20.57 -0.70
N TYR A 252 5.45 -20.12 0.36
CA TYR A 252 4.78 -19.61 1.54
C TYR A 252 5.76 -18.82 2.40
N TYR A 253 5.22 -18.12 3.41
CA TYR A 253 6.01 -17.41 4.40
C TYR A 253 5.93 -18.14 5.71
N THR A 254 7.09 -18.43 6.30
CA THR A 254 7.10 -18.89 7.70
C THR A 254 6.59 -17.73 8.56
N GLN A 255 6.20 -18.04 9.79
CA GLN A 255 5.86 -16.97 10.72
C GLN A 255 7.01 -15.98 10.92
N GLU A 256 8.25 -16.47 10.94
CA GLU A 256 9.42 -15.58 11.07
C GLU A 256 9.57 -14.65 9.86
N GLN A 257 9.33 -15.17 8.66
CA GLN A 257 9.35 -14.35 7.45
C GLN A 257 8.23 -13.30 7.44
N PHE A 258 7.04 -13.66 7.92
CA PHE A 258 5.95 -12.67 8.05
C PHE A 258 6.36 -11.55 9.03
N LYS A 259 6.95 -11.93 10.17
CA LYS A 259 7.40 -10.92 11.13
C LYS A 259 8.45 -9.99 10.51
N ASP A 260 9.32 -10.56 9.69
CA ASP A 260 10.36 -9.80 9.01
C ASP A 260 9.70 -8.75 8.07
N ILE A 261 8.68 -9.17 7.31
CA ILE A 261 7.93 -8.23 6.43
C ILE A 261 7.31 -7.08 7.25
N VAL A 262 6.64 -7.46 8.34
CA VAL A 262 6.00 -6.49 9.24
C VAL A 262 7.05 -5.48 9.75
N SER A 263 8.21 -6.00 10.17
CA SER A 263 9.26 -5.14 10.70
C SER A 263 9.79 -4.18 9.63
N TYR A 264 9.96 -4.69 8.40
CA TYR A 264 10.43 -3.87 7.28
C TYR A 264 9.42 -2.75 6.99
N ALA A 265 8.13 -3.10 6.95
CA ALA A 265 7.06 -2.13 6.77
C ALA A 265 7.05 -1.09 7.87
N ALA A 266 7.19 -1.53 9.13
CA ALA A 266 7.19 -0.63 10.30
C ALA A 266 8.27 0.46 10.22
N GLU A 267 9.41 0.14 9.62
CA GLU A 267 10.50 1.13 9.46
C GLU A 267 10.16 2.23 8.47
N ARG A 268 9.13 1.96 7.65
CA ARG A 268 8.55 2.93 6.72
C ARG A 268 7.20 3.48 7.20
N TYR A 269 6.87 3.23 8.48
CA TYR A 269 5.59 3.68 9.06
C TYR A 269 4.40 3.17 8.22
N ILE A 270 4.52 1.92 7.82
CA ILE A 270 3.49 1.24 7.05
C ILE A 270 2.90 0.12 7.91
N GLU A 271 1.59 0.19 8.10
CA GLU A 271 0.83 -0.84 8.78
C GLU A 271 0.59 -2.01 7.83
N VAL A 272 0.85 -3.23 8.30
CA VAL A 272 0.55 -4.45 7.52
C VAL A 272 -0.75 -5.10 8.01
N ILE A 273 -1.71 -5.22 7.11
CA ILE A 273 -2.99 -5.85 7.44
C ILE A 273 -3.08 -7.19 6.71
N PRO A 274 -2.99 -8.31 7.46
CA PRO A 274 -3.07 -9.63 6.79
C PRO A 274 -4.51 -10.02 6.48
N GLU A 275 -4.75 -10.63 5.33
CA GLU A 275 -6.07 -11.18 5.00
C GLU A 275 -6.07 -12.70 4.91
N ILE A 276 -6.98 -13.32 5.66
CA ILE A 276 -7.38 -14.70 5.46
C ILE A 276 -8.81 -14.68 5.00
N ASP A 277 -9.02 -14.93 3.71
CA ASP A 277 -10.31 -14.71 3.11
C ASP A 277 -11.25 -15.86 3.53
N MET A 278 -12.46 -15.51 3.97
CA MET A 278 -13.50 -16.47 4.40
C MET A 278 -14.92 -15.84 4.31
N PRO A 279 -15.97 -16.67 4.18
CA PRO A 279 -15.98 -18.14 4.04
C PRO A 279 -15.72 -18.63 2.59
N GLY A 280 -15.71 -17.71 1.63
CA GLY A 280 -15.41 -18.06 0.23
C GLY A 280 -13.92 -17.94 -0.07
N HIS A 281 -13.51 -18.28 -1.29
CA HIS A 281 -12.11 -18.20 -1.69
C HIS A 281 -11.22 -19.03 -0.75
N THR A 282 -11.73 -20.20 -0.38
CA THR A 282 -11.11 -21.07 0.62
C THR A 282 -10.65 -22.44 0.10
N ASN A 283 -10.62 -22.62 -1.22
CA ASN A 283 -10.28 -23.95 -1.75
C ASN A 283 -8.96 -24.49 -1.20
N ALA A 284 -7.93 -23.65 -1.08
CA ALA A 284 -6.63 -24.16 -0.63
C ALA A 284 -6.69 -24.80 0.77
N ALA A 285 -7.43 -24.18 1.69
CA ALA A 285 -7.66 -24.78 3.02
C ALA A 285 -8.44 -26.08 2.85
N LEU A 286 -9.47 -26.06 1.99
CA LEU A 286 -10.32 -27.24 1.76
C LEU A 286 -9.59 -28.40 1.07
N ALA A 287 -8.56 -28.05 0.32
CA ALA A 287 -7.70 -29.05 -0.31
C ALA A 287 -6.65 -29.60 0.68
N SER A 288 -6.46 -28.93 1.82
CA SER A 288 -5.45 -29.36 2.81
C SER A 288 -6.02 -30.31 3.88
N TYR A 289 -7.26 -30.06 4.28
CA TYR A 289 -7.91 -30.77 5.37
C TYR A 289 -9.30 -31.24 4.93
N GLY A 290 -9.42 -32.55 4.76
CA GLY A 290 -10.71 -33.15 4.38
C GLY A 290 -11.82 -32.87 5.38
N GLU A 291 -11.49 -32.78 6.66
CA GLU A 291 -12.49 -32.53 7.71
C GLU A 291 -13.18 -31.15 7.59
N LEU A 292 -12.64 -30.27 6.73
CA LEU A 292 -13.23 -28.96 6.48
C LEU A 292 -14.37 -29.03 5.44
N ASN A 293 -14.50 -30.20 4.81
CA ASN A 293 -15.50 -30.46 3.76
C ASN A 293 -16.60 -31.42 4.25
N PRO A 294 -17.84 -31.25 3.76
CA PRO A 294 -18.96 -32.09 4.22
C PRO A 294 -18.74 -33.58 4.06
N ASP A 295 -18.09 -34.00 2.97
CA ASP A 295 -17.86 -35.45 2.76
C ASP A 295 -16.57 -35.98 3.39
N GLY A 296 -15.87 -35.13 4.15
CA GLY A 296 -14.65 -35.52 4.84
C GLY A 296 -13.42 -35.70 3.97
N LYS A 297 -13.54 -35.48 2.66
CA LYS A 297 -12.43 -35.66 1.73
C LYS A 297 -11.83 -34.33 1.33
N ARG A 298 -10.51 -34.31 1.15
CA ARG A 298 -9.83 -33.13 0.64
C ARG A 298 -10.32 -32.79 -0.77
N LYS A 299 -10.45 -31.50 -1.07
CA LYS A 299 -10.69 -31.06 -2.44
C LYS A 299 -9.40 -31.24 -3.24
N ALA A 300 -9.54 -31.43 -4.56
CA ALA A 300 -8.37 -31.32 -5.48
C ALA A 300 -7.90 -29.85 -5.46
N MET A 301 -6.59 -29.63 -5.56
CA MET A 301 -6.06 -28.26 -5.70
C MET A 301 -6.54 -27.64 -7.02
N ARG A 302 -6.73 -26.33 -7.03
CA ARG A 302 -7.18 -25.61 -8.22
C ARG A 302 -6.11 -24.66 -8.75
N THR A 303 -5.85 -24.71 -10.05
CA THR A 303 -4.81 -23.88 -10.68
C THR A 303 -5.42 -22.98 -11.76
N ASP A 304 -6.74 -23.02 -11.89
CA ASP A 304 -7.47 -22.12 -12.78
C ASP A 304 -7.75 -20.76 -12.12
N THR A 305 -8.56 -19.93 -12.78
CA THR A 305 -8.81 -18.58 -12.30
C THR A 305 -10.30 -18.33 -11.95
N ALA A 306 -11.11 -19.39 -11.96
CA ALA A 306 -12.52 -19.26 -11.54
C ALA A 306 -12.64 -18.75 -10.10
N VAL A 307 -13.75 -18.06 -9.81
CA VAL A 307 -14.03 -17.58 -8.44
C VAL A 307 -15.46 -17.95 -8.03
N GLY A 308 -15.72 -17.92 -6.72
CA GLY A 308 -17.11 -17.96 -6.19
C GLY A 308 -17.67 -19.30 -5.75
N TYR A 309 -16.96 -20.37 -6.06
CA TYR A 309 -17.47 -21.74 -5.91
C TYR A 309 -17.14 -22.40 -4.56
N SER A 310 -16.16 -21.85 -3.83
CA SER A 310 -15.69 -22.53 -2.63
C SER A 310 -16.39 -21.96 -1.37
N THR A 311 -16.56 -22.81 -0.36
CA THR A 311 -17.13 -22.40 0.94
C THR A 311 -16.65 -23.28 2.09
N LEU A 312 -16.38 -22.64 3.22
CA LEU A 312 -16.27 -23.34 4.49
C LEU A 312 -17.68 -23.79 4.88
N MET A 313 -17.77 -24.78 5.77
CA MET A 313 -19.04 -25.26 6.31
C MET A 313 -19.52 -24.28 7.37
N PRO A 314 -20.59 -23.52 7.06
CA PRO A 314 -20.99 -22.44 7.98
C PRO A 314 -21.65 -22.94 9.28
N ARG A 315 -22.11 -24.18 9.32
CA ARG A 315 -22.79 -24.68 10.52
C ARG A 315 -22.08 -25.82 11.21
N ALA A 316 -20.79 -26.00 10.93
CA ALA A 316 -20.00 -27.04 11.59
C ALA A 316 -19.03 -26.39 12.58
N GLU A 317 -18.97 -26.89 13.81
CA GLU A 317 -18.05 -26.33 14.80
C GLU A 317 -16.58 -26.43 14.43
N ILE A 318 -16.22 -27.47 13.67
CA ILE A 318 -14.84 -27.62 13.20
C ILE A 318 -14.39 -26.38 12.41
N THR A 319 -15.31 -25.77 11.67
CA THR A 319 -15.01 -24.57 10.90
C THR A 319 -14.52 -23.45 11.81
N TYR A 320 -15.23 -23.26 12.93
CA TYR A 320 -14.92 -22.17 13.86
C TYR A 320 -13.69 -22.46 14.69
N GLN A 321 -13.45 -23.74 14.98
CA GLN A 321 -12.19 -24.14 15.61
C GLN A 321 -10.98 -23.81 14.70
N PHE A 322 -11.05 -24.25 13.45
CA PHE A 322 -10.06 -23.91 12.44
C PHE A 322 -9.83 -22.38 12.36
N VAL A 323 -10.90 -21.60 12.20
CA VAL A 323 -10.77 -20.15 12.11
C VAL A 323 -10.11 -19.55 13.38
N GLU A 324 -10.52 -20.05 14.55
CA GLU A 324 -9.91 -19.55 15.81
C GLU A 324 -8.42 -19.90 15.93
N ASP A 325 -8.02 -21.09 15.50
CA ASP A 325 -6.61 -21.45 15.51
C ASP A 325 -5.78 -20.55 14.58
N VAL A 326 -6.32 -20.28 13.39
CA VAL A 326 -5.65 -19.43 12.40
C VAL A 326 -5.54 -18.01 12.96
N ILE A 327 -6.66 -17.49 13.43
CA ILE A 327 -6.69 -16.12 14.01
C ILE A 327 -5.75 -15.99 15.21
N SER A 328 -5.79 -16.97 16.12
CA SER A 328 -4.87 -17.00 17.27
C SER A 328 -3.41 -16.83 16.83
N GLU A 329 -2.96 -17.64 15.88
CA GLU A 329 -1.55 -17.62 15.49
C GLU A 329 -1.17 -16.36 14.73
N LEU A 330 -2.07 -15.89 13.88
CA LEU A 330 -1.83 -14.68 13.10
C LEU A 330 -1.83 -13.42 14.00
N ALA A 331 -2.78 -13.35 14.93
CA ALA A 331 -2.81 -12.23 15.89
C ALA A 331 -1.52 -12.11 16.70
N ALA A 332 -0.98 -13.27 17.11
CA ALA A 332 0.28 -13.35 17.85
C ALA A 332 1.48 -12.72 17.12
N ILE A 333 1.44 -12.70 15.79
CA ILE A 333 2.58 -12.23 15.00
C ILE A 333 2.30 -10.96 14.16
N SER A 334 1.08 -10.43 14.28
CA SER A 334 0.65 -9.27 13.51
C SER A 334 0.17 -8.14 14.43
N PRO A 335 1.03 -7.14 14.68
CA PRO A 335 0.75 -6.03 15.61
C PRO A 335 -0.37 -5.08 15.16
N SER A 336 -0.70 -5.02 13.87
CA SER A 336 -1.84 -4.21 13.43
C SER A 336 -3.10 -4.52 14.26
N PRO A 337 -3.83 -3.47 14.68
CA PRO A 337 -5.12 -3.70 15.34
C PRO A 337 -6.19 -4.33 14.46
N TYR A 338 -5.91 -4.45 13.15
CA TYR A 338 -6.85 -5.02 12.16
C TYR A 338 -6.43 -6.37 11.59
N ILE A 339 -7.43 -7.23 11.42
CA ILE A 339 -7.27 -8.41 10.56
C ILE A 339 -8.35 -8.38 9.49
N HIS A 340 -7.98 -8.73 8.25
CA HIS A 340 -8.93 -8.69 7.14
C HIS A 340 -9.43 -10.12 7.00
N LEU A 341 -10.75 -10.33 7.13
CA LEU A 341 -11.31 -11.69 6.97
C LEU A 341 -12.01 -11.92 5.62
N GLY A 342 -11.76 -11.03 4.67
CA GLY A 342 -12.26 -11.20 3.32
C GLY A 342 -13.76 -11.02 3.22
N GLY A 343 -14.46 -12.08 2.82
CA GLY A 343 -15.93 -12.03 2.72
C GLY A 343 -16.50 -11.77 1.33
N ASP A 344 -15.64 -11.72 0.32
CA ASP A 344 -16.08 -11.49 -1.06
C ASP A 344 -16.53 -12.78 -1.75
N GLU A 345 -17.46 -12.65 -2.71
CA GLU A 345 -17.79 -13.76 -3.63
C GLU A 345 -18.03 -15.11 -2.96
N SER A 346 -18.82 -15.11 -1.91
CA SER A 346 -19.19 -16.34 -1.19
C SER A 346 -20.45 -16.93 -1.86
N ASN A 347 -20.34 -17.24 -3.15
CA ASN A 347 -21.51 -17.59 -3.97
C ASN A 347 -22.00 -19.01 -3.70
N ALA A 348 -21.24 -19.77 -2.91
CA ALA A 348 -21.65 -21.10 -2.51
C ALA A 348 -22.11 -21.09 -1.06
N THR A 349 -22.30 -19.89 -0.51
CA THR A 349 -22.79 -19.70 0.87
C THR A 349 -24.10 -18.95 0.80
N SER A 350 -25.12 -19.46 1.49
CA SER A 350 -26.43 -18.80 1.49
C SER A 350 -26.32 -17.44 2.23
N ALA A 351 -27.20 -16.51 1.91
CA ALA A 351 -27.23 -15.21 2.61
C ALA A 351 -27.36 -15.37 4.14
N ALA A 352 -28.22 -16.30 4.58
CA ALA A 352 -28.43 -16.57 6.00
C ALA A 352 -27.16 -17.10 6.66
N ASP A 353 -26.50 -18.04 5.98
CA ASP A 353 -25.26 -18.64 6.50
C ASP A 353 -24.09 -17.65 6.47
N TYR A 354 -24.05 -16.80 5.43
CA TYR A 354 -23.05 -15.75 5.38
C TYR A 354 -23.18 -14.77 6.54
N ASP A 355 -24.40 -14.34 6.81
CA ASP A 355 -24.66 -13.43 7.92
C ASP A 355 -24.13 -14.03 9.24
N TYR A 356 -24.52 -15.25 9.49
CA TYR A 356 -24.16 -16.02 10.68
C TYR A 356 -22.64 -16.22 10.77
N PHE A 357 -22.05 -16.74 9.70
CA PHE A 357 -20.62 -17.01 9.66
C PHE A 357 -19.78 -15.75 9.96
N PHE A 358 -20.09 -14.65 9.28
CA PHE A 358 -19.23 -13.49 9.41
C PHE A 358 -19.36 -12.86 10.79
N GLY A 359 -20.56 -12.95 11.37
CA GLY A 359 -20.77 -12.52 12.75
C GLY A 359 -19.96 -13.34 13.73
N ARG A 360 -19.93 -14.67 13.55
CA ARG A 360 -19.13 -15.55 14.43
C ARG A 360 -17.63 -15.33 14.35
N VAL A 361 -17.12 -15.18 13.13
CA VAL A 361 -15.68 -15.00 12.99
C VAL A 361 -15.23 -13.61 13.46
N THR A 362 -16.13 -12.62 13.36
CA THR A 362 -15.88 -11.28 13.92
C THR A 362 -15.74 -11.34 15.45
N ALA A 363 -16.63 -12.11 16.09
CA ALA A 363 -16.52 -12.34 17.53
C ALA A 363 -15.19 -13.02 17.92
N ILE A 364 -14.75 -14.02 17.14
CA ILE A 364 -13.46 -14.68 17.39
C ILE A 364 -12.30 -13.66 17.27
N ALA A 365 -12.29 -12.92 16.16
CA ALA A 365 -11.27 -11.87 15.94
C ALA A 365 -11.21 -10.87 17.10
N ASN A 366 -12.38 -10.36 17.51
CA ASN A 366 -12.47 -9.38 18.60
C ASN A 366 -11.95 -9.97 19.92
N SER A 367 -12.19 -11.26 20.17
CA SER A 367 -11.67 -11.92 21.38
C SER A 367 -10.15 -11.99 21.41
N TYR A 368 -9.52 -11.94 20.24
CA TYR A 368 -8.07 -11.93 20.13
C TYR A 368 -7.53 -10.49 19.96
N GLY A 369 -8.38 -9.52 20.31
CA GLY A 369 -7.99 -8.09 20.31
C GLY A 369 -7.86 -7.44 18.95
N LYS A 370 -8.41 -8.07 17.91
CA LYS A 370 -8.38 -7.51 16.55
C LYS A 370 -9.76 -7.08 16.04
N LYS A 371 -9.78 -5.91 15.41
CA LYS A 371 -10.93 -5.43 14.66
C LYS A 371 -10.89 -6.03 13.26
N VAL A 372 -12.06 -6.19 12.65
CA VAL A 372 -12.17 -6.92 11.38
C VAL A 372 -12.38 -5.98 10.20
N VAL A 373 -11.62 -6.19 9.13
CA VAL A 373 -11.91 -5.53 7.86
C VAL A 373 -12.51 -6.60 6.96
N GLY A 374 -13.45 -6.25 6.09
CA GLY A 374 -13.97 -7.22 5.13
C GLY A 374 -14.47 -6.54 3.87
N TRP A 375 -14.38 -7.25 2.75
CA TRP A 375 -14.98 -6.79 1.50
C TRP A 375 -16.51 -6.69 1.63
N ASP A 376 -17.13 -5.80 0.86
CA ASP A 376 -18.61 -5.87 0.76
C ASP A 376 -18.96 -7.25 0.16
N PRO A 377 -20.09 -7.86 0.61
CA PRO A 377 -21.12 -7.33 1.53
C PRO A 377 -20.96 -7.64 3.04
N SER A 378 -19.74 -7.77 3.54
CA SER A 378 -19.54 -8.22 4.94
C SER A 378 -20.10 -7.26 6.01
N ASP A 379 -20.24 -5.97 5.68
CA ASP A 379 -20.85 -4.97 6.58
C ASP A 379 -22.30 -5.26 6.94
N THR A 380 -22.99 -6.01 6.08
CA THR A 380 -24.38 -6.41 6.31
C THR A 380 -24.53 -7.49 7.37
N SER A 381 -23.43 -8.12 7.79
CA SER A 381 -23.53 -9.10 8.88
C SER A 381 -24.06 -8.47 10.17
N SER A 382 -25.05 -9.10 10.78
CA SER A 382 -25.62 -8.63 12.03
C SER A 382 -24.62 -8.70 13.18
N GLY A 383 -23.52 -9.42 12.96
CA GLY A 383 -22.46 -9.52 13.96
C GLY A 383 -21.36 -8.50 13.83
N ALA A 384 -21.44 -7.64 12.80
CA ALA A 384 -20.45 -6.56 12.65
C ALA A 384 -20.61 -5.53 13.78
N THR A 385 -19.55 -4.82 14.11
CA THR A 385 -19.65 -3.72 15.09
C THR A 385 -19.25 -2.43 14.40
N SER A 386 -19.47 -1.29 15.06
CA SER A 386 -19.02 -0.02 14.50
C SER A 386 -17.48 0.11 14.42
N ASP A 387 -16.74 -0.79 15.09
CA ASP A 387 -15.26 -0.89 14.94
C ASP A 387 -14.82 -1.70 13.72
N SER A 388 -15.71 -2.51 13.17
CA SER A 388 -15.42 -3.21 11.92
C SER A 388 -15.22 -2.18 10.79
N VAL A 389 -14.49 -2.56 9.74
CA VAL A 389 -14.25 -1.67 8.60
C VAL A 389 -14.74 -2.36 7.33
N LEU A 390 -15.39 -1.58 6.48
CA LEU A 390 -15.79 -2.09 5.16
C LEU A 390 -14.80 -1.68 4.07
N GLN A 391 -14.32 -2.67 3.30
CA GLN A 391 -13.61 -2.39 2.05
C GLN A 391 -14.62 -2.50 0.93
N ASN A 392 -15.01 -1.34 0.42
CA ASN A 392 -16.07 -1.21 -0.57
C ASN A 392 -15.40 -1.26 -1.92
N TRP A 393 -15.47 -2.43 -2.59
CA TRP A 393 -14.99 -2.58 -3.97
C TRP A 393 -16.12 -2.45 -5.01
N THR A 394 -17.35 -2.82 -4.64
CA THR A 394 -18.46 -2.81 -5.62
C THR A 394 -18.88 -1.38 -6.02
N CYS A 395 -18.90 -0.48 -5.03
CA CYS A 395 -19.13 0.95 -5.25
C CYS A 395 -20.43 1.21 -6.02
N SER A 396 -21.49 0.50 -5.64
CA SER A 396 -22.82 0.77 -6.22
C SER A 396 -23.63 1.59 -5.19
N ALA A 397 -24.77 2.16 -5.62
CA ALA A 397 -25.66 2.95 -4.74
C ALA A 397 -26.00 2.25 -3.41
N SER A 398 -26.19 0.94 -3.44
CA SER A 398 -26.61 0.24 -2.21
C SER A 398 -25.45 -0.32 -1.38
N THR A 399 -24.27 -0.39 -1.97
CA THR A 399 -23.11 -0.93 -1.23
C THR A 399 -22.79 -0.07 0.00
N GLY A 400 -22.52 -0.71 1.13
CA GLY A 400 -22.18 0.04 2.34
C GLY A 400 -23.31 0.82 3.02
N THR A 401 -24.56 0.49 2.70
CA THR A 401 -25.73 1.04 3.41
C THR A 401 -25.65 0.64 4.89
N ALA A 402 -25.36 -0.63 5.11
CA ALA A 402 -25.18 -1.19 6.46
C ALA A 402 -24.00 -0.52 7.19
N ALA A 403 -22.84 -0.46 6.53
CA ALA A 403 -21.67 0.21 7.10
C ALA A 403 -22.00 1.63 7.55
N LYS A 404 -22.66 2.41 6.67
CA LYS A 404 -23.02 3.79 7.00
C LYS A 404 -23.93 3.88 8.24
N ALA A 405 -24.97 3.04 8.28
CA ALA A 405 -25.93 2.97 9.40
C ALA A 405 -25.23 2.55 10.71
N LYS A 406 -24.21 1.72 10.62
CA LYS A 406 -23.49 1.23 11.79
C LYS A 406 -22.32 2.12 12.23
N GLY A 407 -22.03 3.18 11.49
CA GLY A 407 -20.89 4.04 11.83
C GLY A 407 -19.54 3.42 11.52
N MET A 408 -19.53 2.45 10.60
CA MET A 408 -18.27 1.81 10.20
C MET A 408 -17.50 2.67 9.19
N LYS A 409 -16.20 2.86 9.46
CA LYS A 409 -15.25 3.40 8.49
C LYS A 409 -15.24 2.59 7.20
N VAL A 410 -14.97 3.28 6.09
CA VAL A 410 -14.98 2.64 4.76
C VAL A 410 -13.66 2.91 4.00
N ILE A 411 -13.07 1.84 3.47
CA ILE A 411 -11.93 1.95 2.57
C ILE A 411 -12.46 1.72 1.15
N VAL A 412 -12.16 2.63 0.22
CA VAL A 412 -12.69 2.48 -1.14
C VAL A 412 -11.68 1.87 -2.09
N SER A 413 -12.17 0.96 -2.91
CA SER A 413 -11.40 0.31 -3.97
C SER A 413 -12.26 0.22 -5.23
N PRO A 414 -12.54 1.36 -5.91
CA PRO A 414 -13.37 1.29 -7.12
C PRO A 414 -12.59 0.70 -8.32
N ALA A 415 -13.24 0.65 -9.50
CA ALA A 415 -12.58 0.20 -10.72
C ALA A 415 -11.24 0.94 -10.88
N ASN A 416 -11.25 2.24 -10.60
CA ASN A 416 -10.08 3.12 -10.76
C ASN A 416 -8.87 2.70 -9.90
N ALA A 417 -9.10 1.89 -8.86
CA ALA A 417 -8.04 1.43 -7.94
C ALA A 417 -7.71 -0.07 -8.14
N TYR A 418 -8.38 -0.68 -9.12
CA TYR A 418 -8.13 -2.08 -9.51
C TYR A 418 -6.99 -2.12 -10.53
N LEU A 419 -5.77 -2.16 -10.01
CA LEU A 419 -4.59 -1.91 -10.83
C LEU A 419 -4.19 -3.15 -11.62
N ASP A 420 -4.86 -4.27 -11.34
CA ASP A 420 -4.70 -5.49 -12.17
C ASP A 420 -5.48 -5.43 -13.51
N MET A 421 -6.29 -4.40 -13.70
CA MET A 421 -6.97 -4.20 -14.98
C MET A 421 -5.94 -3.80 -16.06
N LYS A 422 -6.05 -4.41 -17.23
CA LYS A 422 -5.30 -3.94 -18.41
C LYS A 422 -5.34 -2.40 -18.53
N TYR A 423 -4.23 -1.81 -18.95
CA TYR A 423 -4.24 -0.38 -19.33
C TYR A 423 -5.16 -0.14 -20.54
N TYR A 424 -5.09 -1.06 -21.50
CA TYR A 424 -5.75 -0.97 -22.83
C TYR A 424 -6.17 -2.35 -23.29
N SER A 425 -7.10 -2.40 -24.26
CA SER A 425 -7.56 -3.65 -24.85
C SER A 425 -6.40 -4.58 -25.19
N ASP A 426 -5.29 -4.00 -25.67
CA ASP A 426 -4.14 -4.79 -26.10
C ASP A 426 -3.03 -5.04 -25.05
N SER A 427 -3.26 -4.70 -23.77
CA SER A 427 -2.25 -5.01 -22.73
C SER A 427 -1.90 -6.50 -22.73
N PRO A 428 -0.61 -6.84 -22.63
CA PRO A 428 -0.18 -8.23 -22.64
C PRO A 428 -0.48 -9.00 -21.34
N ILE A 429 -0.77 -8.27 -20.27
CA ILE A 429 -1.17 -8.88 -18.98
C ILE A 429 -2.34 -8.10 -18.39
N GLY A 430 -3.01 -8.69 -17.40
CA GLY A 430 -4.10 -8.03 -16.71
C GLY A 430 -5.47 -8.61 -17.03
N LEU A 431 -6.45 -8.23 -16.22
CA LEU A 431 -7.85 -8.62 -16.45
C LEU A 431 -8.62 -7.44 -17.01
N GLN A 432 -9.92 -7.62 -17.24
CA GLN A 432 -10.71 -6.53 -17.77
C GLN A 432 -12.18 -6.58 -17.37
N TRP A 433 -12.48 -7.30 -16.29
CA TRP A 433 -13.89 -7.39 -15.84
C TRP A 433 -14.41 -6.06 -15.24
N ARG A 434 -13.50 -5.11 -14.95
CA ARG A 434 -13.93 -3.72 -14.57
C ARG A 434 -13.65 -2.72 -15.68
N GLY A 435 -13.38 -3.23 -16.89
CA GLY A 435 -13.02 -2.36 -18.02
C GLY A 435 -11.52 -2.13 -17.98
N PHE A 436 -11.00 -1.21 -18.78
CA PHE A 436 -9.54 -0.95 -18.79
C PHE A 436 -9.26 0.19 -17.84
N VAL A 437 -8.08 0.20 -17.21
CA VAL A 437 -7.69 1.27 -16.29
C VAL A 437 -6.31 1.77 -16.68
N ASN A 438 -6.25 2.83 -17.47
CA ASN A 438 -4.98 3.46 -17.79
C ASN A 438 -4.59 4.46 -16.67
N THR A 439 -3.49 5.16 -16.87
CA THR A 439 -2.97 6.11 -15.86
C THR A 439 -3.93 7.29 -15.59
N ASN A 440 -4.61 7.75 -16.65
CA ASN A 440 -5.64 8.79 -16.57
C ASN A 440 -6.84 8.34 -15.71
N ARG A 441 -7.43 7.18 -16.04
CA ARG A 441 -8.52 6.61 -15.26
C ARG A 441 -8.15 6.39 -13.79
N ALA A 442 -6.90 6.00 -13.54
CA ALA A 442 -6.40 5.75 -12.20
C ALA A 442 -6.29 7.05 -11.38
N TYR A 443 -6.30 8.19 -12.08
CA TYR A 443 -6.20 9.52 -11.47
C TYR A 443 -7.56 10.23 -11.32
N ASN A 444 -8.39 10.14 -12.38
CA ASN A 444 -9.59 10.96 -12.51
C ASN A 444 -10.81 10.41 -11.81
N TRP A 445 -10.76 10.45 -10.48
CA TRP A 445 -11.86 10.02 -9.64
C TRP A 445 -11.72 10.60 -8.22
N ASP A 446 -12.76 10.43 -7.42
CA ASP A 446 -12.72 10.84 -6.02
C ASP A 446 -13.34 9.72 -5.18
N PRO A 447 -12.81 9.50 -3.95
CA PRO A 447 -13.44 8.49 -3.08
C PRO A 447 -14.96 8.60 -2.91
N THR A 448 -15.51 9.81 -2.92
CA THR A 448 -16.97 10.01 -2.87
C THR A 448 -17.72 9.52 -4.12
N ASP A 449 -17.02 9.29 -5.24
CA ASP A 449 -17.63 8.66 -6.42
C ASP A 449 -18.04 7.20 -6.12
N CYS A 450 -17.30 6.55 -5.24
CA CYS A 450 -17.59 5.15 -4.87
C CYS A 450 -18.78 5.08 -3.92
N ILE A 451 -18.72 5.86 -2.84
CA ILE A 451 -19.77 5.88 -1.81
C ILE A 451 -19.98 7.31 -1.30
N LYS A 452 -21.26 7.69 -1.15
CA LYS A 452 -21.62 9.00 -0.61
C LYS A 452 -22.19 8.82 0.79
N GLY A 453 -21.98 9.82 1.63
CA GLY A 453 -22.53 9.87 2.98
C GLY A 453 -21.82 8.96 3.97
N ALA A 454 -20.59 8.55 3.65
CA ALA A 454 -19.86 7.61 4.52
C ALA A 454 -18.68 8.31 5.25
N ASN A 455 -18.19 7.65 6.30
CA ASN A 455 -16.91 8.00 6.90
C ASN A 455 -15.86 7.27 6.09
N ILE A 456 -15.25 7.98 5.13
CA ILE A 456 -14.22 7.37 4.29
C ILE A 456 -12.86 7.49 4.98
N TYR A 457 -12.40 6.33 5.43
CA TYR A 457 -11.10 6.14 6.06
C TYR A 457 -10.01 6.35 5.00
N GLY A 458 -10.25 5.86 3.79
CA GLY A 458 -9.37 6.16 2.67
C GLY A 458 -9.50 5.23 1.48
N VAL A 459 -8.37 5.00 0.82
CA VAL A 459 -8.30 4.38 -0.50
C VAL A 459 -7.38 3.17 -0.44
N GLU A 460 -7.70 2.13 -1.21
CA GLU A 460 -6.75 1.02 -1.39
C GLU A 460 -6.68 0.51 -2.82
N SER A 461 -5.46 0.56 -3.39
CA SER A 461 -5.17 0.00 -4.70
C SER A 461 -5.04 -1.50 -4.53
N THR A 462 -5.71 -2.28 -5.37
CA THR A 462 -5.62 -3.73 -5.21
C THR A 462 -4.93 -4.33 -6.42
N LEU A 463 -3.84 -5.04 -6.18
CA LEU A 463 -3.18 -5.78 -7.25
C LEU A 463 -3.38 -7.29 -7.10
N TRP A 464 -4.47 -7.77 -7.71
CA TRP A 464 -4.75 -9.22 -7.86
C TRP A 464 -3.73 -9.80 -8.85
N THR A 465 -3.44 -11.10 -8.74
CA THR A 465 -2.29 -11.65 -9.50
C THR A 465 -2.60 -12.89 -10.35
N GLU A 466 -3.85 -13.07 -10.78
CA GLU A 466 -4.23 -14.11 -11.75
C GLU A 466 -3.27 -14.21 -12.93
N THR A 467 -2.85 -13.05 -13.44
CA THR A 467 -2.07 -13.01 -14.67
C THR A 467 -0.65 -12.46 -14.50
N PHE A 468 -0.23 -12.20 -13.25
CA PHE A 468 1.10 -11.67 -12.99
C PHE A 468 1.97 -12.71 -12.31
N VAL A 469 3.09 -13.06 -12.95
CA VAL A 469 3.93 -14.12 -12.40
C VAL A 469 5.31 -13.61 -11.98
N THR A 470 5.78 -12.54 -12.61
CA THR A 470 7.13 -12.03 -12.34
C THR A 470 7.10 -10.64 -11.71
N GLN A 471 8.23 -10.28 -11.10
CA GLN A 471 8.42 -8.92 -10.62
C GLN A 471 8.18 -7.88 -11.73
N ASP A 472 8.70 -8.12 -12.95
CA ASP A 472 8.47 -7.16 -14.03
C ASP A 472 6.96 -6.94 -14.29
N HIS A 473 6.14 -8.00 -14.18
CA HIS A 473 4.67 -7.86 -14.33
C HIS A 473 4.06 -6.93 -13.26
N LEU A 474 4.44 -7.14 -12.00
CA LEU A 474 4.04 -6.20 -10.92
C LEU A 474 4.43 -4.74 -11.24
N ASP A 475 5.71 -4.53 -11.56
CA ASP A 475 6.20 -3.17 -11.87
C ASP A 475 5.36 -2.54 -12.96
N TYR A 476 5.14 -3.30 -14.04
CA TYR A 476 4.46 -2.80 -15.23
C TYR A 476 3.04 -2.32 -14.90
N MET A 477 2.33 -3.04 -14.03
CA MET A 477 0.95 -2.70 -13.71
C MET A 477 0.79 -1.64 -12.61
N LEU A 478 1.73 -1.64 -11.66
CA LEU A 478 1.69 -0.70 -10.53
C LEU A 478 2.25 0.67 -10.92
N TYR A 479 3.12 0.71 -11.91
CA TYR A 479 3.81 1.94 -12.28
C TYR A 479 3.62 2.23 -13.77
N PRO A 480 2.99 3.38 -14.09
CA PRO A 480 2.61 4.48 -13.19
C PRO A 480 1.24 4.49 -12.49
N LYS A 481 0.41 3.46 -12.65
CA LYS A 481 -0.97 3.48 -12.10
C LYS A 481 -1.05 3.83 -10.61
N LEU A 482 -0.15 3.25 -9.80
CA LEU A 482 -0.19 3.46 -8.34
C LEU A 482 0.06 4.93 -8.03
N LEU A 483 0.87 5.60 -8.83
CA LEU A 483 1.19 7.01 -8.60
C LEU A 483 -0.08 7.86 -8.64
N SER A 484 -0.94 7.54 -9.61
CA SER A 484 -2.24 8.17 -9.72
C SER A 484 -3.10 7.93 -8.47
N ASN A 485 -3.23 6.66 -8.05
CA ASN A 485 -4.02 6.34 -6.85
C ASN A 485 -3.44 7.02 -5.61
N ALA A 486 -2.12 7.06 -5.50
CA ALA A 486 -1.43 7.65 -4.33
C ALA A 486 -1.75 9.14 -4.19
N GLU A 487 -1.82 9.85 -5.32
CA GLU A 487 -2.19 11.25 -5.31
C GLU A 487 -3.66 11.44 -4.90
N VAL A 488 -4.54 10.58 -5.43
CA VAL A 488 -5.96 10.60 -4.99
C VAL A 488 -6.11 10.44 -3.46
N GLY A 489 -5.25 9.61 -2.85
CA GLY A 489 -5.28 9.43 -1.38
C GLY A 489 -4.71 10.60 -0.59
N TRP A 490 -3.65 11.22 -1.12
CA TRP A 490 -2.89 12.26 -0.41
C TRP A 490 -3.42 13.68 -0.67
N THR A 491 -3.52 14.02 -1.96
CA THR A 491 -3.82 15.38 -2.40
C THR A 491 -5.32 15.66 -2.37
N ALA A 492 -5.69 16.82 -1.82
CA ALA A 492 -7.08 17.22 -1.72
C ALA A 492 -7.68 17.36 -3.13
N ARG A 493 -8.96 17.00 -3.26
CA ARG A 493 -9.64 17.01 -4.58
C ARG A 493 -9.52 18.36 -5.29
N GLY A 494 -9.65 19.45 -4.52
CA GLY A 494 -9.55 20.80 -5.07
C GLY A 494 -8.22 21.10 -5.73
N ASP A 495 -7.19 20.32 -5.37
CA ASP A 495 -5.84 20.52 -5.91
C ASP A 495 -5.42 19.47 -6.94
N ARG A 496 -6.32 18.55 -7.28
CA ARG A 496 -6.04 17.50 -8.26
C ARG A 496 -6.54 17.90 -9.65
N ASN A 497 -5.71 17.67 -10.66
CA ASN A 497 -6.01 18.11 -12.03
C ASN A 497 -5.11 17.25 -12.94
N TRP A 498 -5.74 16.55 -13.89
CA TRP A 498 -5.01 15.60 -14.74
C TRP A 498 -3.92 16.27 -15.56
N ASP A 499 -4.22 17.41 -16.16
CA ASP A 499 -3.23 18.13 -16.98
C ASP A 499 -1.95 18.48 -16.21
N ASP A 500 -2.13 18.96 -14.98
CA ASP A 500 -1.04 19.16 -14.02
C ASP A 500 -0.25 17.87 -13.71
N PHE A 501 -0.97 16.86 -13.23
CA PHE A 501 -0.36 15.57 -12.84
C PHE A 501 0.38 14.91 -14.00
N LYS A 502 -0.24 14.94 -15.19
CA LYS A 502 0.36 14.33 -16.37
C LYS A 502 1.72 14.94 -16.67
N GLU A 503 1.81 16.27 -16.63
CA GLU A 503 3.07 16.96 -16.91
C GLU A 503 4.10 16.65 -15.81
N ARG A 504 3.67 16.65 -14.54
CA ARG A 504 4.56 16.26 -13.43
C ARG A 504 5.06 14.80 -13.56
N LEU A 505 4.18 13.91 -14.03
CA LEU A 505 4.54 12.53 -14.27
C LEU A 505 5.62 12.37 -15.37
N ILE A 506 5.47 13.11 -16.47
CA ILE A 506 6.49 13.14 -17.52
C ILE A 506 7.85 13.54 -16.91
N GLU A 507 7.83 14.58 -16.08
CA GLU A 507 9.04 15.06 -15.44
C GLU A 507 9.64 13.99 -14.49
N HIS A 508 8.77 13.21 -13.85
CA HIS A 508 9.18 12.19 -12.90
C HIS A 508 9.79 10.94 -13.54
N THR A 509 9.51 10.73 -14.82
CA THR A 509 9.86 9.47 -15.51
C THR A 509 11.29 8.97 -15.30
N PRO A 510 12.30 9.84 -15.47
CA PRO A 510 13.68 9.39 -15.20
C PRO A 510 13.88 8.79 -13.80
N ARG A 511 13.13 9.28 -12.82
CA ARG A 511 13.25 8.75 -11.46
C ARG A 511 12.75 7.31 -11.38
N LEU A 512 11.69 7.00 -12.09
CA LEU A 512 11.19 5.61 -12.19
C LEU A 512 12.26 4.70 -12.80
N GLN A 513 12.87 5.22 -13.86
CA GLN A 513 13.95 4.53 -14.59
C GLN A 513 15.11 4.27 -13.63
N ASN A 514 15.49 5.32 -12.88
CA ASN A 514 16.63 5.24 -11.95
C ASN A 514 16.45 4.22 -10.83
N LYS A 515 15.20 4.06 -10.39
CA LYS A 515 14.84 3.12 -9.32
C LYS A 515 14.80 1.66 -9.81
N GLY A 516 14.92 1.47 -11.13
CA GLY A 516 14.91 0.12 -11.70
C GLY A 516 13.51 -0.44 -11.88
N ILE A 517 12.52 0.43 -11.86
CA ILE A 517 11.12 0.04 -12.04
C ILE A 517 10.84 -0.24 -13.52
N LYS A 518 10.32 -1.44 -13.81
CA LYS A 518 10.00 -1.80 -15.19
C LYS A 518 8.56 -1.38 -15.50
N PHE A 519 8.35 -0.06 -15.48
CA PHE A 519 7.05 0.60 -15.65
C PHE A 519 6.54 0.52 -17.11
N PHE A 520 5.24 0.70 -17.27
CA PHE A 520 4.67 0.82 -18.62
C PHE A 520 4.72 2.29 -19.05
N ALA A 521 5.28 2.53 -20.25
CA ALA A 521 5.31 3.89 -20.81
C ALA A 521 3.96 4.19 -21.47
N ASP A 522 3.01 4.64 -20.65
CA ASP A 522 1.61 4.77 -21.02
C ASP A 522 1.46 5.91 -22.06
N PRO A 523 0.93 5.58 -23.25
CA PRO A 523 0.78 6.58 -24.31
C PRO A 523 -0.16 7.74 -24.02
N ILE A 524 -0.92 7.67 -22.91
CA ILE A 524 -1.75 8.79 -22.49
C ILE A 524 -0.97 9.84 -21.66
N VAL A 525 0.26 9.50 -21.32
CA VAL A 525 1.17 10.39 -20.61
C VAL A 525 2.21 10.93 -21.61
S SO4 B . -17.63 -1.30 -12.11
O1 SO4 B . -18.94 -1.94 -12.01
O2 SO4 B . -17.35 -0.50 -10.90
O3 SO4 B . -16.60 -2.32 -12.26
O4 SO4 B . -17.68 -0.38 -13.27
C1 NGT C . -12.61 -9.81 -7.61
C2 NGT C . -12.34 -11.04 -6.66
C3 NGT C . -10.85 -11.49 -6.59
C4 NGT C . -10.19 -11.51 -7.98
C5 NGT C . -10.34 -10.11 -8.57
C6 NGT C . -9.62 -9.99 -9.91
C7 NGT C . -12.72 -9.24 -5.12
C8 NGT C . -13.05 -8.55 -3.81
N2 NGT C . -12.74 -10.57 -5.27
S1 NGT C . -12.32 -8.39 -6.55
O3 NGT C . -10.72 -12.79 -6.00
O4 NGT C . -8.81 -11.89 -7.84
O5 NGT C . -11.78 -9.81 -8.77
O6 NGT C . -9.77 -8.63 -10.33
#